data_8PPW
#
_entry.id   8PPW
#
_cell.length_a   66.823
_cell.length_b   66.823
_cell.length_c   177.590
_cell.angle_alpha   90.000
_cell.angle_beta   90.000
_cell.angle_gamma   120.000
#
_symmetry.space_group_name_H-M   'P 65 2 2'
#
loop_
_entity.id
_entity.type
_entity.pdbx_description
1 polymer 'Parkinson disease protein 7'
2 non-polymer (3~{S})-1-(iminomethyl)-~{N}-pent-4-ynyl-pyrrolidine-3-carboxamide
3 water water
#
_entity_poly.entity_id   1
_entity_poly.type   'polypeptide(L)'
_entity_poly.pdbx_seq_one_letter_code
;GPMASKRALVILAKGAEEMETVIPVDVMRRAGIKVTVAGLAGKDPVQCSRDVVICPDASLEDAKKEGPYDVVVLPGGNLG
AQNLSESAAVKEILKEQENRKGLIAAICAGPTALLAHEIGFGSKVTTHPLAKDKMMNGGHYTYSENRVEKDGLILTSRGP
GTSFEFALAIVEALNGKEVAAQVKAPLVLKD
;
_entity_poly.pdbx_strand_id   A
#
# COMPACT_ATOMS: atom_id res chain seq x y z
N SER A 5 7.87 -16.76 -8.12
CA SER A 5 7.39 -16.02 -6.96
C SER A 5 6.63 -14.76 -7.37
N LYS A 6 5.63 -14.38 -6.57
CA LYS A 6 4.93 -13.13 -6.79
C LYS A 6 5.79 -11.96 -6.32
N ARG A 7 5.51 -10.76 -6.85
CA ARG A 7 6.35 -9.60 -6.60
C ARG A 7 5.51 -8.40 -6.16
N ALA A 8 6.04 -7.65 -5.18
CA ALA A 8 5.35 -6.49 -4.63
C ALA A 8 6.23 -5.24 -4.67
N LEU A 9 5.62 -4.13 -5.06
CA LEU A 9 6.24 -2.80 -5.00
C LEU A 9 5.62 -2.02 -3.85
N VAL A 10 6.44 -1.61 -2.88
CA VAL A 10 6.02 -0.77 -1.77
C VAL A 10 6.66 0.60 -1.96
N ILE A 11 5.84 1.64 -2.16
CA ILE A 11 6.38 2.97 -2.44
C ILE A 11 6.52 3.74 -1.13
N LEU A 12 7.76 4.09 -0.79
CA LEU A 12 8.13 4.69 0.49
C LEU A 12 8.50 6.16 0.30
N ALA A 13 7.64 7.04 0.81
CA ALA A 13 7.82 8.48 0.73
C ALA A 13 8.14 9.06 2.10
N LYS A 14 8.83 10.21 2.10
CA LYS A 14 9.07 10.94 3.34
C LYS A 14 7.76 11.17 4.09
N GLY A 15 7.77 10.90 5.38
CA GLY A 15 6.58 11.04 6.20
C GLY A 15 5.66 9.84 6.17
N ALA A 16 6.06 8.74 5.52
CA ALA A 16 5.23 7.54 5.54
C ALA A 16 5.07 7.04 6.96
N GLU A 17 3.93 6.40 7.24
CA GLU A 17 3.75 5.76 8.54
C GLU A 17 4.59 4.48 8.57
N GLU A 18 5.57 4.44 9.48
CA GLU A 18 6.55 3.35 9.42
C GLU A 18 5.96 2.00 9.80
N MET A 19 4.97 1.96 10.71
CA MET A 19 4.31 0.68 10.98
C MET A 19 3.55 0.17 9.78
N GLU A 20 2.85 1.06 9.07
CA GLU A 20 2.08 0.68 7.90
C GLU A 20 2.96 0.32 6.72
N THR A 21 4.24 0.71 6.77
CA THR A 21 5.22 0.30 5.78
C THR A 21 5.83 -1.06 6.15
N VAL A 22 6.32 -1.18 7.38
CA VAL A 22 7.10 -2.35 7.77
C VAL A 22 6.24 -3.59 7.94
N ILE A 23 5.03 -3.48 8.52
CA ILE A 23 4.21 -4.69 8.71
C ILE A 23 3.89 -5.35 7.37
N PRO A 24 3.41 -4.64 6.36
CA PRO A 24 3.19 -5.30 5.05
C PRO A 24 4.46 -5.84 4.43
N VAL A 25 5.58 -5.10 4.49
CA VAL A 25 6.81 -5.60 3.89
C VAL A 25 7.21 -6.93 4.53
N ASP A 26 7.19 -6.96 5.86
CA ASP A 26 7.62 -8.13 6.62
C ASP A 26 6.68 -9.32 6.37
N VAL A 27 5.38 -9.11 6.51
CA VAL A 27 4.40 -10.18 6.34
C VAL A 27 4.46 -10.73 4.90
N MET A 28 4.56 -9.85 3.91
CA MET A 28 4.69 -10.28 2.51
C MET A 28 5.95 -11.11 2.31
N ARG A 29 7.08 -10.68 2.89
CA ARG A 29 8.29 -11.49 2.75
C ARG A 29 8.17 -12.84 3.45
N ARG A 30 7.48 -12.88 4.60
CA ARG A 30 7.22 -14.18 5.24
C ARG A 30 6.45 -15.12 4.32
N ALA A 31 5.61 -14.57 3.45
CA ALA A 31 4.81 -15.35 2.52
C ALA A 31 5.58 -15.74 1.27
N GLY A 32 6.84 -15.35 1.16
CA GLY A 32 7.62 -15.68 -0.02
C GLY A 32 7.43 -14.74 -1.18
N ILE A 33 6.80 -13.60 -0.97
CA ILE A 33 6.72 -12.55 -1.98
C ILE A 33 8.05 -11.81 -2.03
N LYS A 34 8.53 -11.56 -3.26
CA LYS A 34 9.70 -10.71 -3.44
C LYS A 34 9.25 -9.25 -3.39
N VAL A 35 9.62 -8.55 -2.32
CA VAL A 35 9.20 -7.18 -2.07
C VAL A 35 10.34 -6.23 -2.39
N THR A 36 10.05 -5.18 -3.16
CA THR A 36 10.97 -4.07 -3.37
C THR A 36 10.43 -2.85 -2.63
N VAL A 37 11.17 -2.42 -1.61
CA VAL A 37 10.88 -1.17 -0.92
C VAL A 37 11.51 -0.07 -1.75
N ALA A 38 10.70 0.74 -2.41
CA ALA A 38 11.19 1.71 -3.40
C ALA A 38 11.04 3.13 -2.86
N GLY A 39 12.14 3.86 -2.81
CA GLY A 39 12.11 5.21 -2.28
C GLY A 39 11.57 6.20 -3.30
N LEU A 40 10.49 6.89 -2.96
CA LEU A 40 9.93 7.89 -3.87
C LEU A 40 10.99 8.89 -4.31
N ALA A 41 11.81 9.36 -3.38
CA ALA A 41 12.79 10.41 -3.66
C ALA A 41 14.16 9.88 -4.05
N GLY A 42 14.24 8.60 -4.39
CA GLY A 42 15.50 7.97 -4.72
C GLY A 42 15.88 6.91 -3.71
N LYS A 43 17.16 6.54 -3.75
CA LYS A 43 17.66 5.42 -2.97
C LYS A 43 18.04 5.80 -1.55
N ASP A 44 18.04 7.07 -1.19
CA ASP A 44 18.50 7.49 0.13
C ASP A 44 17.52 7.12 1.25
N PRO A 45 18.01 7.03 2.48
CA PRO A 45 17.13 6.67 3.60
C PRO A 45 15.98 7.65 3.77
N VAL A 46 14.86 7.13 4.26
CA VAL A 46 13.59 7.85 4.31
C VAL A 46 13.20 8.04 5.76
N GLN A 47 13.02 9.30 6.17
CA GLN A 47 12.51 9.65 7.49
C GLN A 47 11.00 9.51 7.52
N CYS A 48 10.51 8.62 8.38
CA CYS A 48 9.08 8.30 8.45
C CYS A 48 8.38 9.22 9.46
N SER A 49 7.07 8.99 9.63
CA SER A 49 6.22 9.94 10.35
C SER A 49 6.62 10.11 11.81
N ARG A 50 7.11 9.04 12.45
CA ARG A 50 7.61 9.10 13.82
C ARG A 50 9.12 8.94 13.85
N ASP A 51 9.79 9.38 12.77
CA ASP A 51 11.22 9.58 12.70
C ASP A 51 12.03 8.28 12.62
N VAL A 52 11.38 7.12 12.50
CA VAL A 52 12.11 5.92 12.10
C VAL A 52 12.66 6.13 10.70
N VAL A 53 13.91 5.73 10.48
CA VAL A 53 14.58 5.97 9.20
C VAL A 53 14.78 4.60 8.55
N ILE A 54 14.14 4.41 7.40
CA ILE A 54 14.17 3.15 6.65
C ILE A 54 14.96 3.36 5.38
N CYS A 55 15.89 2.43 5.11
N CYS A 55 15.89 2.43 5.12
CA CYS A 55 16.67 2.54 3.89
CA CYS A 55 16.69 2.50 3.90
C CYS A 55 16.00 1.74 2.80
C CYS A 55 15.99 1.72 2.79
N PRO A 56 15.59 2.36 1.69
CA PRO A 56 14.94 1.62 0.61
C PRO A 56 15.90 0.66 -0.09
N ASP A 57 15.29 -0.37 -0.70
CA ASP A 57 16.02 -1.31 -1.53
C ASP A 57 16.51 -0.66 -2.81
N ALA A 58 15.74 0.29 -3.33
CA ALA A 58 16.00 0.89 -4.63
C ALA A 58 15.24 2.20 -4.71
N SER A 59 15.65 3.04 -5.65
CA SER A 59 14.83 4.18 -5.99
C SER A 59 13.58 3.70 -6.73
N LEU A 60 12.50 4.50 -6.63
CA LEU A 60 11.33 4.21 -7.44
C LEU A 60 11.65 4.20 -8.93
N GLU A 61 12.51 5.13 -9.36
CA GLU A 61 12.92 5.19 -10.76
C GLU A 61 13.51 3.87 -11.22
N ASP A 62 14.38 3.27 -10.40
CA ASP A 62 14.97 1.99 -10.76
C ASP A 62 13.97 0.85 -10.61
N ALA A 63 13.11 0.91 -9.59
CA ALA A 63 12.19 -0.19 -9.35
C ALA A 63 11.13 -0.27 -10.44
N LYS A 64 10.70 0.88 -10.97
CA LYS A 64 9.72 0.86 -12.07
C LYS A 64 10.27 0.14 -13.30
N LYS A 65 11.59 0.18 -13.50
CA LYS A 65 12.20 -0.49 -14.65
C LYS A 65 12.12 -2.01 -14.51
N GLU A 66 12.03 -2.51 -13.28
CA GLU A 66 12.04 -3.94 -13.00
C GLU A 66 10.63 -4.49 -12.82
N GLY A 67 9.60 -3.74 -13.21
CA GLY A 67 8.26 -4.22 -13.13
C GLY A 67 7.91 -5.07 -14.34
N PRO A 68 6.63 -5.44 -14.44
CA PRO A 68 5.53 -5.05 -13.55
C PRO A 68 5.47 -5.87 -12.26
N TYR A 69 4.64 -5.41 -11.32
CA TYR A 69 4.52 -6.04 -10.02
C TYR A 69 3.11 -6.59 -9.84
N ASP A 70 3.00 -7.66 -9.07
CA ASP A 70 1.70 -8.26 -8.79
C ASP A 70 0.88 -7.42 -7.81
N VAL A 71 1.51 -6.56 -7.01
CA VAL A 71 0.79 -5.60 -6.19
C VAL A 71 1.66 -4.36 -6.03
N VAL A 72 1.01 -3.20 -6.03
CA VAL A 72 1.62 -1.93 -5.65
C VAL A 72 0.99 -1.53 -4.32
N VAL A 73 1.82 -1.29 -3.32
CA VAL A 73 1.36 -1.03 -1.95
C VAL A 73 1.66 0.41 -1.56
N LEU A 74 0.63 1.11 -1.05
CA LEU A 74 0.77 2.49 -0.60
C LEU A 74 0.54 2.57 0.90
N PRO A 75 1.58 2.75 1.70
CA PRO A 75 1.39 3.04 3.13
C PRO A 75 0.73 4.40 3.31
N GLY A 76 0.31 4.65 4.53
CA GLY A 76 -0.23 5.97 4.90
C GLY A 76 0.81 6.87 5.52
N GLY A 77 0.40 7.64 6.52
CA GLY A 77 1.19 8.75 7.00
C GLY A 77 0.65 10.01 6.35
N ASN A 78 0.37 11.03 7.15
CA ASN A 78 -0.20 12.27 6.61
C ASN A 78 0.68 12.84 5.51
N LEU A 79 1.95 13.09 5.81
CA LEU A 79 2.87 13.65 4.84
C LEU A 79 3.25 12.62 3.77
N GLY A 80 3.37 11.34 4.15
CA GLY A 80 3.70 10.33 3.17
C GLY A 80 2.65 10.22 2.08
N ALA A 81 1.37 10.16 2.48
CA ALA A 81 0.31 10.10 1.49
C ALA A 81 0.24 11.37 0.65
N GLN A 82 0.51 12.52 1.27
CA GLN A 82 0.55 13.76 0.49
C GLN A 82 1.65 13.70 -0.56
N ASN A 83 2.83 13.21 -0.18
CA ASN A 83 3.91 13.08 -1.16
C ASN A 83 3.57 12.09 -2.26
N LEU A 84 2.95 10.96 -1.91
CA LEU A 84 2.49 10.02 -2.92
C LEU A 84 1.49 10.68 -3.87
N SER A 85 0.57 11.47 -3.31
CA SER A 85 -0.49 12.13 -4.07
C SER A 85 0.05 13.18 -5.04
N GLU A 86 1.21 13.73 -4.76
CA GLU A 86 1.75 14.82 -5.56
C GLU A 86 2.71 14.33 -6.63
N SER A 87 2.98 13.03 -6.68
CA SER A 87 4.02 12.47 -7.53
C SER A 87 3.47 12.06 -8.89
N ALA A 88 3.98 12.68 -9.97
CA ALA A 88 3.64 12.24 -11.31
C ALA A 88 4.07 10.79 -11.56
N ALA A 89 5.19 10.38 -10.97
CA ALA A 89 5.66 9.00 -11.14
C ALA A 89 4.68 8.00 -10.54
N VAL A 90 4.20 8.27 -9.34
CA VAL A 90 3.20 7.37 -8.71
C VAL A 90 1.95 7.28 -9.58
N LYS A 91 1.50 8.42 -10.13
CA LYS A 91 0.28 8.43 -10.97
C LYS A 91 0.43 7.44 -12.12
N GLU A 92 1.59 7.45 -12.77
CA GLU A 92 1.84 6.59 -13.95
C GLU A 92 1.87 5.12 -13.52
N ILE A 93 2.56 4.84 -12.42
CA ILE A 93 2.62 3.44 -11.91
C ILE A 93 1.20 2.98 -11.58
N LEU A 94 0.42 3.81 -10.88
CA LEU A 94 -0.92 3.35 -10.51
C LEU A 94 -1.83 3.20 -11.73
N LYS A 95 -1.67 4.07 -12.71
CA LYS A 95 -2.54 4.00 -13.92
C LYS A 95 -2.22 2.71 -14.70
N GLU A 96 -0.93 2.41 -14.83
CA GLU A 96 -0.51 1.19 -15.56
C GLU A 96 -0.98 -0.07 -14.82
N GLN A 97 -0.81 -0.09 -13.50
CA GLN A 97 -1.24 -1.26 -12.71
C GLN A 97 -2.74 -1.45 -12.88
N GLU A 98 -3.50 -0.37 -12.77
CA GLU A 98 -4.93 -0.48 -13.00
C GLU A 98 -5.24 -1.00 -14.41
N ASN A 99 -4.47 -0.56 -15.40
CA ASN A 99 -4.75 -0.96 -16.78
C ASN A 99 -4.39 -2.42 -17.04
N ARG A 100 -3.34 -2.93 -16.41
CA ARG A 100 -2.97 -4.33 -16.60
C ARG A 100 -3.74 -5.27 -15.68
N LYS A 101 -4.75 -4.75 -14.97
CA LYS A 101 -5.60 -5.54 -14.09
C LYS A 101 -4.79 -6.11 -12.92
N GLY A 102 -3.95 -5.26 -12.34
CA GLY A 102 -3.08 -5.64 -11.24
C GLY A 102 -3.57 -5.05 -9.93
N LEU A 103 -3.27 -5.73 -8.83
CA LEU A 103 -3.72 -5.32 -7.51
C LEU A 103 -3.05 -4.03 -7.05
N ILE A 104 -3.85 -3.14 -6.47
CA ILE A 104 -3.36 -1.95 -5.76
C ILE A 104 -3.89 -2.02 -4.33
N ALA A 105 -3.02 -1.80 -3.36
CA ALA A 105 -3.38 -1.89 -1.94
C ALA A 105 -2.91 -0.63 -1.23
N ALA A 106 -3.79 -0.03 -0.44
CA ALA A 106 -3.45 1.21 0.26
C ALA A 106 -4.10 1.24 1.64
N ILE A 107 -3.38 1.76 2.63
CA ILE A 107 -3.84 1.70 4.01
C ILE A 107 -3.81 3.09 4.67
N CYS A 108 -4.85 3.36 5.48
CA CYS A 108 -4.99 4.51 6.37
C CYS A 108 -5.20 5.81 5.60
N ALA A 109 -4.15 6.60 5.41
CA ALA A 109 -4.24 7.75 4.51
C ALA A 109 -3.80 7.41 3.09
N GLY A 110 -3.13 6.27 2.90
CA GLY A 110 -2.74 5.82 1.57
C GLY A 110 -3.82 5.89 0.51
N PRO A 111 -5.07 5.50 0.80
CA PRO A 111 -6.10 5.57 -0.25
C PRO A 111 -6.34 6.97 -0.80
N THR A 112 -6.01 8.03 -0.05
CA THR A 112 -6.22 9.36 -0.62
C THR A 112 -5.30 9.63 -1.82
N ALA A 113 -4.23 8.85 -1.99
CA ALA A 113 -3.43 8.95 -3.20
C ALA A 113 -4.14 8.34 -4.39
N LEU A 114 -4.99 7.34 -4.16
CA LEU A 114 -5.85 6.85 -5.24
C LEU A 114 -6.75 7.96 -5.75
N LEU A 115 -7.33 8.74 -4.82
CA LEU A 115 -8.20 9.83 -5.23
C LEU A 115 -7.42 10.88 -6.03
N ALA A 116 -6.21 11.22 -5.56
CA ALA A 116 -5.42 12.27 -6.21
C ALA A 116 -5.08 11.90 -7.64
N HIS A 117 -4.86 10.61 -7.90
CA HIS A 117 -4.48 10.11 -9.21
C HIS A 117 -5.64 9.50 -9.98
N GLU A 118 -6.87 9.66 -9.50
CA GLU A 118 -8.09 9.18 -10.16
C GLU A 118 -8.03 7.68 -10.46
N ILE A 119 -7.66 6.90 -9.44
CA ILE A 119 -7.54 5.45 -9.52
C ILE A 119 -8.77 4.80 -8.91
N GLY A 120 -9.37 3.86 -9.65
CA GLY A 120 -10.40 3.00 -9.10
C GLY A 120 -11.70 3.71 -8.73
N PHE A 121 -12.02 4.82 -9.40
CA PHE A 121 -13.28 5.50 -9.14
C PHE A 121 -14.45 4.53 -9.25
N GLY A 122 -15.40 4.66 -8.33
CA GLY A 122 -16.52 3.76 -8.27
C GLY A 122 -16.30 2.55 -7.39
N SER A 123 -15.09 2.38 -6.85
CA SER A 123 -14.81 1.27 -5.97
C SER A 123 -15.42 1.50 -4.59
N LYS A 124 -15.67 0.40 -3.89
CA LYS A 124 -15.92 0.46 -2.46
C LYS A 124 -14.56 0.48 -1.76
N VAL A 125 -14.36 1.46 -0.86
CA VAL A 125 -13.07 1.67 -0.20
C VAL A 125 -13.28 2.02 1.27
N THR A 126 -12.26 1.73 2.07
CA THR A 126 -12.16 2.27 3.41
C THR A 126 -10.89 3.09 3.55
N THR A 127 -10.83 3.86 4.64
CA THR A 127 -9.69 4.70 4.98
C THR A 127 -9.65 4.80 6.49
N HIS A 128 -8.63 5.46 7.01
CA HIS A 128 -8.72 5.88 8.39
C HIS A 128 -9.94 6.78 8.58
N PRO A 129 -10.64 6.67 9.71
CA PRO A 129 -11.78 7.58 9.95
C PRO A 129 -11.45 9.05 9.72
N LEU A 130 -10.25 9.49 10.09
CA LEU A 130 -9.87 10.89 9.93
C LEU A 130 -9.64 11.29 8.48
N ALA A 131 -9.42 10.32 7.60
CA ALA A 131 -9.22 10.58 6.19
C ALA A 131 -10.50 10.40 5.37
N LYS A 132 -11.61 10.02 5.99
CA LYS A 132 -12.83 9.75 5.23
C LYS A 132 -13.27 10.96 4.43
N ASP A 133 -13.31 12.13 5.05
CA ASP A 133 -13.86 13.30 4.37
C ASP A 133 -13.02 13.68 3.16
N LYS A 134 -11.70 13.54 3.27
CA LYS A 134 -10.81 13.84 2.14
C LYS A 134 -11.02 12.84 1.01
N MET A 135 -11.21 11.57 1.36
CA MET A 135 -11.35 10.53 0.32
C MET A 135 -12.72 10.66 -0.37
N MET A 136 -13.72 11.14 0.36
CA MET A 136 -15.09 11.15 -0.19
C MET A 136 -15.41 12.48 -0.86
N ASN A 137 -14.48 13.44 -0.84
CA ASN A 137 -14.68 14.73 -1.54
C ASN A 137 -14.89 14.46 -3.03
N GLY A 138 -16.07 14.79 -3.55
CA GLY A 138 -16.40 14.53 -4.93
C GLY A 138 -17.21 13.27 -5.17
N GLY A 139 -17.40 12.44 -4.15
CA GLY A 139 -18.22 11.26 -4.29
C GLY A 139 -17.73 10.28 -5.33
N HIS A 140 -16.41 10.08 -5.40
CA HIS A 140 -15.82 9.22 -6.42
C HIS A 140 -15.72 7.75 -5.99
N TYR A 141 -16.08 7.44 -4.75
CA TYR A 141 -16.06 6.09 -4.21
C TYR A 141 -17.29 5.86 -3.37
N THR A 142 -17.52 4.60 -3.00
CA THR A 142 -18.46 4.24 -1.94
C THR A 142 -17.67 3.87 -0.70
N TYR A 143 -18.12 4.32 0.47
CA TYR A 143 -17.32 4.15 1.68
C TYR A 143 -17.71 2.88 2.42
N SER A 144 -16.72 2.32 3.12
CA SER A 144 -16.91 1.13 3.92
C SER A 144 -16.24 1.32 5.27
N GLU A 145 -16.86 0.75 6.30
CA GLU A 145 -16.29 0.75 7.64
C GLU A 145 -15.52 -0.52 7.94
N ASN A 146 -15.43 -1.44 6.99
CA ASN A 146 -14.73 -2.69 7.22
C ASN A 146 -13.24 -2.43 7.46
N ARG A 147 -12.65 -3.25 8.34
CA ARG A 147 -11.24 -3.09 8.67
C ARG A 147 -10.34 -3.28 7.45
N VAL A 148 -10.70 -4.21 6.57
CA VAL A 148 -10.10 -4.37 5.26
C VAL A 148 -11.24 -4.44 4.25
N GLU A 149 -11.07 -3.73 3.13
CA GLU A 149 -12.06 -3.73 2.06
C GLU A 149 -11.38 -4.08 0.75
N LYS A 150 -11.83 -5.16 0.12
CA LYS A 150 -11.31 -5.57 -1.18
C LYS A 150 -12.46 -5.51 -2.18
N ASP A 151 -12.37 -4.59 -3.13
CA ASP A 151 -13.33 -4.48 -4.21
C ASP A 151 -12.57 -4.73 -5.50
N GLY A 152 -12.64 -5.97 -5.98
CA GLY A 152 -11.87 -6.35 -7.15
C GLY A 152 -10.38 -6.18 -6.88
N LEU A 153 -9.73 -5.35 -7.71
CA LEU A 153 -8.29 -5.12 -7.61
C LEU A 153 -7.95 -3.86 -6.82
N ILE A 154 -8.87 -3.33 -6.03
CA ILE A 154 -8.60 -2.20 -5.15
C ILE A 154 -8.79 -2.69 -3.71
N LEU A 155 -7.71 -2.71 -2.94
CA LEU A 155 -7.71 -3.25 -1.58
C LEU A 155 -7.30 -2.13 -0.62
N THR A 156 -8.17 -1.82 0.34
CA THR A 156 -7.90 -0.73 1.26
C THR A 156 -8.09 -1.18 2.70
N SER A 157 -7.52 -0.41 3.61
CA SER A 157 -7.56 -0.70 5.05
C SER A 157 -7.41 0.59 5.83
N ARG A 158 -7.58 0.49 7.16
CA ARG A 158 -7.89 1.68 7.95
C ARG A 158 -6.75 2.26 8.79
N GLY A 159 -5.84 1.48 9.34
CA GLY A 159 -4.92 2.08 10.31
C GLY A 159 -3.80 1.16 10.73
N PRO A 160 -2.89 1.63 11.58
CA PRO A 160 -1.82 0.74 12.04
C PRO A 160 -2.35 -0.55 12.60
N GLY A 161 -3.46 -0.48 13.35
CA GLY A 161 -4.03 -1.66 13.97
C GLY A 161 -4.80 -2.56 13.03
N THR A 162 -4.94 -2.20 11.76
CA THR A 162 -5.43 -3.14 10.74
C THR A 162 -4.31 -3.58 9.79
N SER A 163 -3.05 -3.25 10.08
CA SER A 163 -1.98 -3.53 9.12
C SER A 163 -1.72 -5.03 8.93
N PHE A 164 -1.84 -5.83 10.00
CA PHE A 164 -1.65 -7.27 9.84
C PHE A 164 -2.77 -7.84 8.97
N GLU A 165 -4.01 -7.44 9.22
CA GLU A 165 -5.13 -7.92 8.42
C GLU A 165 -4.96 -7.50 6.96
N PHE A 166 -4.54 -6.25 6.75
CA PHE A 166 -4.30 -5.71 5.40
C PHE A 166 -3.24 -6.54 4.70
N ALA A 167 -2.10 -6.77 5.38
CA ALA A 167 -1.01 -7.51 4.77
C ALA A 167 -1.41 -8.94 4.46
N LEU A 168 -2.14 -9.58 5.37
CA LEU A 168 -2.56 -10.97 5.11
C LEU A 168 -3.58 -11.03 3.98
N ALA A 169 -4.38 -9.96 3.79
CA ALA A 169 -5.28 -9.90 2.63
C ALA A 169 -4.50 -9.82 1.33
N ILE A 170 -3.39 -9.08 1.31
CA ILE A 170 -2.52 -9.08 0.14
C ILE A 170 -1.97 -10.47 -0.11
N VAL A 171 -1.46 -11.11 0.95
CA VAL A 171 -0.90 -12.46 0.80
C VAL A 171 -1.96 -13.40 0.26
N GLU A 172 -3.18 -13.34 0.81
CA GLU A 172 -4.24 -14.22 0.30
C GLU A 172 -4.53 -13.95 -1.17
N ALA A 173 -4.56 -12.67 -1.57
CA ALA A 173 -4.86 -12.33 -2.96
C ALA A 173 -3.80 -12.86 -3.91
N LEU A 174 -2.53 -12.83 -3.49
CA LEU A 174 -1.41 -13.18 -4.36
C LEU A 174 -1.05 -14.66 -4.28
N ASN A 175 -1.02 -15.22 -3.07
CA ASN A 175 -0.52 -16.57 -2.85
C ASN A 175 -1.55 -17.55 -2.30
N GLY A 176 -2.75 -17.10 -1.97
CA GLY A 176 -3.84 -17.99 -1.60
C GLY A 176 -4.07 -18.06 -0.10
N LYS A 177 -5.20 -18.67 0.26
CA LYS A 177 -5.63 -18.72 1.65
C LYS A 177 -4.71 -19.58 2.50
N GLU A 178 -4.17 -20.67 1.93
CA GLU A 178 -3.31 -21.56 2.70
C GLU A 178 -2.00 -20.88 3.08
N VAL A 179 -1.35 -20.21 2.13
CA VAL A 179 -0.13 -19.47 2.47
C VAL A 179 -0.42 -18.40 3.50
N ALA A 180 -1.55 -17.70 3.36
CA ALA A 180 -1.89 -16.68 4.35
C ALA A 180 -2.07 -17.29 5.74
N ALA A 181 -2.70 -18.48 5.81
CA ALA A 181 -2.86 -19.16 7.09
C ALA A 181 -1.52 -19.57 7.68
N GLN A 182 -0.60 -20.02 6.83
CA GLN A 182 0.73 -20.40 7.30
C GLN A 182 1.44 -19.20 7.91
N VAL A 183 1.42 -18.07 7.20
CA VAL A 183 2.13 -16.89 7.69
C VAL A 183 1.49 -16.37 8.97
N LYS A 184 0.16 -16.44 9.05
CA LYS A 184 -0.56 -15.95 10.23
C LYS A 184 -0.19 -16.74 11.47
N ALA A 185 0.03 -18.04 11.33
CA ALA A 185 0.05 -18.93 12.49
C ALA A 185 1.00 -18.50 13.61
N PRO A 186 2.26 -18.12 13.36
CA PRO A 186 3.15 -17.74 14.46
C PRO A 186 3.10 -16.27 14.85
N LEU A 187 2.18 -15.50 14.30
CA LEU A 187 2.20 -14.06 14.55
C LEU A 187 1.63 -13.69 15.91
N VAL A 188 0.88 -14.59 16.54
CA VAL A 188 0.19 -14.36 17.81
C VAL A 188 -0.80 -13.21 17.64
N LEU A 189 -1.55 -13.20 16.55
CA LEU A 189 -2.59 -12.20 16.36
C LEU A 189 -3.75 -12.46 17.32
N LYS A 190 -4.45 -11.37 17.65
CA LYS A 190 -5.61 -11.44 18.53
C LYS A 190 -6.81 -11.97 17.76
#